data_3I73
#
_entry.id   3I73
#
_cell.length_a   128.472
_cell.length_b   128.472
_cell.length_c   104.991
_cell.angle_alpha   90.000
_cell.angle_beta   90.000
_cell.angle_gamma   90.000
#
_symmetry.space_group_name_H-M   'P 43 21 2'
#
loop_
_entity.id
_entity.type
_entity.pdbx_description
1 polymer 'A-TYPE ATP SYNTHASE CATALYTIC SUBUNIT A'
2 non-polymer "ADENOSINE-5'-DIPHOSPHATE"
3 non-polymer (4S)-2-METHYL-2,4-PENTANEDIOL
4 non-polymer 2-AMINO-2-HYDROXYMETHYL-PROPANE-1,3-DIOL
5 non-polymer 'ACETIC ACID'
6 water water
#
_entity_poly.entity_id   1
_entity_poly.type   'polypeptide(L)'
_entity_poly.pdbx_seq_one_letter_code
;MVAKGRIIRVTGPLVVADGMKGAKMYEVVRVGELGLIGEIIRLEGDKAVIQVYEETAGVRPGEPVVGTGASLSVELGPRL
LTSIYDGIQRPLEVIREKTGDFIARGVTAPALPRDKKWHFIPKAKVGDKVVGGDIIGEVPETSIIVHKIMVPPGIEGEIV
EIAEEGDYTIEEVIAKVKTPSGEIKELKMYQRWPVRVKRPYKEKLPPEVPLITGQRVIDTFFPQAKGGTAAIPGPFGSGK
TVTQHQLAKWSDAQVVIYIGCGERGNEMTDVLEEFPKLKDPKTGKPLMERTVLIANTSNMPVAAREASIYTGITIAEYFR
DMGYDVALMADSTSRWAEALREISGRLEEMPGEEGYPAYLASKLAEFYERAGRVVTLGSDYRVGSVSVIGAVSPPGGDFS
EPVVQNTLRVVKVFWALDADLARRRHFPAINWLTSYSLYVDAVKDWWHKNIDPEWKAMRDKAMALLQKESELQEIVRIVG
PDALPERERAILLVARMLREDYLQQDAFDEVDTYCPPEKQVTMMRVLLNFYDKTMEAINRGVPLEEIAKLPVREEIGRMK
FERDVSKIRSLIDKTNEQFEELFKKYGA
;
_entity_poly.pdbx_strand_id   A
#
# COMPACT_ATOMS: atom_id res chain seq x y z
N GLU A 63 0.31 13.53 34.71
CA GLU A 63 -0.19 14.47 33.66
C GLU A 63 1.01 15.21 33.03
N PRO A 64 1.76 16.00 33.83
CA PRO A 64 3.12 16.31 33.38
C PRO A 64 4.10 15.22 33.84
N VAL A 65 5.36 15.28 33.37
CA VAL A 65 6.46 14.41 33.85
C VAL A 65 7.67 14.36 32.89
N VAL A 66 8.82 13.95 33.42
CA VAL A 66 10.11 13.95 32.70
C VAL A 66 10.34 12.74 31.78
N GLY A 67 11.22 12.92 30.79
CA GLY A 67 11.51 11.88 29.78
C GLY A 67 11.22 12.40 28.39
N THR A 68 10.47 11.64 27.59
CA THR A 68 10.05 12.10 26.26
C THR A 68 8.52 12.38 26.21
N GLY A 69 8.06 13.30 27.05
CA GLY A 69 6.77 13.94 26.80
C GLY A 69 5.74 14.07 27.89
N ALA A 70 5.58 13.00 28.66
CA ALA A 70 4.49 12.87 29.64
C ALA A 70 3.15 12.47 28.97
N SER A 71 3.10 11.24 28.48
CA SER A 71 1.91 10.57 27.89
C SER A 71 1.28 11.18 26.60
N LEU A 72 2.12 11.58 25.65
CA LEU A 72 1.68 11.97 24.31
C LEU A 72 1.09 10.76 23.58
N SER A 73 -0.23 10.67 23.54
CA SER A 73 -0.86 9.41 23.23
C SER A 73 -2.12 9.48 22.37
N VAL A 74 -2.75 8.33 22.15
CA VAL A 74 -3.89 8.19 21.23
C VAL A 74 -4.88 7.26 21.85
N GLU A 75 -6.16 7.40 21.50
CA GLU A 75 -7.17 6.47 21.93
C GLU A 75 -7.55 5.52 20.80
N LEU A 76 -7.91 4.30 21.14
CA LEU A 76 -8.09 3.26 20.15
C LEU A 76 -9.29 2.44 20.49
N GLY A 77 -10.36 2.58 19.72
CA GLY A 77 -11.59 1.84 19.97
C GLY A 77 -12.59 2.22 18.91
N PRO A 78 -13.81 1.69 18.98
CA PRO A 78 -14.84 2.02 17.99
C PRO A 78 -14.97 3.53 17.71
N ARG A 79 -15.04 3.87 16.41
CA ARG A 79 -15.12 5.25 15.88
C ARG A 79 -13.79 5.92 15.47
N LEU A 80 -12.74 5.12 15.35
CA LEU A 80 -11.54 5.60 14.66
C LEU A 80 -11.90 5.67 13.17
N LEU A 81 -12.62 4.65 12.70
CA LEU A 81 -13.01 4.56 11.30
C LEU A 81 -13.98 5.68 10.97
N THR A 82 -13.82 6.25 9.77
CA THR A 82 -14.59 7.39 9.21
C THR A 82 -14.17 8.75 9.79
N SER A 83 -13.28 8.75 10.77
CA SER A 83 -12.91 9.99 11.43
C SER A 83 -11.88 10.74 10.63
N ILE A 84 -11.92 12.07 10.78
CA ILE A 84 -10.88 12.95 10.28
C ILE A 84 -10.24 13.57 11.51
N TYR A 85 -8.91 13.59 11.51
CA TYR A 85 -8.14 13.94 12.69
C TYR A 85 -6.98 14.87 12.35
N ASP A 86 -6.29 15.36 13.36
CA ASP A 86 -5.06 16.13 13.16
C ASP A 86 -3.85 15.35 13.69
N GLY A 87 -2.67 15.95 13.59
CA GLY A 87 -1.42 15.36 14.07
C GLY A 87 -1.38 14.65 15.41
N ILE A 88 -2.34 14.97 16.28
CA ILE A 88 -2.44 14.40 17.63
C ILE A 88 -3.89 14.02 18.00
N GLN A 89 -4.65 13.57 17.01
CA GLN A 89 -5.97 12.94 17.22
C GLN A 89 -7.10 13.81 17.79
N ARG A 90 -7.11 15.10 17.43
CA ARG A 90 -8.27 15.98 17.64
C ARG A 90 -9.12 16.04 16.37
N PRO A 91 -10.46 15.98 16.51
CA PRO A 91 -11.39 16.04 15.37
C PRO A 91 -11.38 17.36 14.58
N LEU A 92 -12.02 17.31 13.41
CA LEU A 92 -12.15 18.42 12.43
C LEU A 92 -11.60 19.79 12.87
N GLU A 93 -10.28 19.98 12.69
CA GLU A 93 -9.53 21.21 13.02
C GLU A 93 -9.69 21.77 14.44
N VAL A 94 -8.66 21.58 15.28
CA VAL A 94 -8.54 22.29 16.57
C VAL A 94 -7.35 23.30 16.50
N ILE A 95 -6.47 23.38 17.51
CA ILE A 95 -5.46 24.47 17.56
C ILE A 95 -3.96 24.11 17.82
N ARG A 96 -3.31 24.84 18.74
CA ARG A 96 -1.84 24.98 18.79
C ARG A 96 -1.08 24.19 19.88
N GLU A 97 -0.03 23.48 19.45
CA GLU A 97 0.89 22.72 20.31
C GLU A 97 2.33 23.15 19.99
N LYS A 98 3.23 23.02 20.97
CA LYS A 98 4.62 23.45 20.77
C LYS A 98 5.67 22.49 21.35
N THR A 99 6.94 22.83 21.12
CA THR A 99 8.12 22.14 21.69
C THR A 99 8.36 20.73 21.11
N GLY A 100 8.41 19.75 22.00
CA GLY A 100 8.92 18.42 21.69
C GLY A 100 10.33 18.26 22.25
N ASP A 101 10.97 17.14 21.93
CA ASP A 101 12.32 16.82 22.41
C ASP A 101 12.35 16.61 23.92
N PHE A 102 11.30 17.11 24.58
CA PHE A 102 11.11 17.00 26.02
C PHE A 102 9.64 16.70 26.33
N ILE A 103 8.76 17.70 26.16
CA ILE A 103 7.33 17.59 26.46
C ILE A 103 6.47 18.35 25.42
N ALA A 104 5.17 18.51 25.71
CA ALA A 104 4.25 19.28 24.84
C ALA A 104 2.95 19.68 25.53
N ARG A 105 2.37 20.81 25.11
CA ARG A 105 1.07 21.31 25.64
C ARG A 105 -0.07 21.13 24.64
N GLY A 106 -1.31 21.00 25.14
CA GLY A 106 -2.50 20.76 24.31
C GLY A 106 -3.73 21.63 24.54
N VAL A 107 -4.83 21.26 23.86
CA VAL A 107 -6.15 21.95 23.90
C VAL A 107 -7.35 21.05 23.47
N THR A 108 -8.58 21.51 23.76
CA THR A 108 -9.77 20.63 23.95
C THR A 108 -10.51 20.02 22.73
N ALA A 109 -10.81 18.71 22.84
CA ALA A 109 -11.54 17.90 21.86
C ALA A 109 -11.50 16.39 22.28
N PRO A 110 -12.63 15.66 22.13
CA PRO A 110 -12.66 14.22 22.51
C PRO A 110 -12.49 13.24 21.33
N ALA A 111 -11.36 12.55 21.28
CA ALA A 111 -10.97 11.67 20.15
C ALA A 111 -12.03 10.67 19.67
N LEU A 112 -12.66 9.98 20.61
CA LEU A 112 -13.76 9.06 20.32
C LEU A 112 -14.98 9.50 21.11
N PRO A 113 -16.18 9.46 20.48
CA PRO A 113 -17.42 9.89 21.15
C PRO A 113 -17.81 9.00 22.33
N ARG A 114 -18.11 9.63 23.47
CA ARG A 114 -18.52 8.92 24.68
C ARG A 114 -20.03 8.71 24.71
N ASP A 115 -20.75 9.50 23.92
CA ASP A 115 -22.21 9.44 23.84
C ASP A 115 -22.72 8.29 22.98
N LYS A 116 -22.03 8.01 21.88
CA LYS A 116 -22.43 6.96 20.93
C LYS A 116 -22.47 5.58 21.59
N LYS A 117 -23.47 4.78 21.22
CA LYS A 117 -23.62 3.42 21.75
C LYS A 117 -23.28 2.32 20.73
N TRP A 118 -22.45 1.38 21.16
CA TRP A 118 -21.94 0.33 20.28
C TRP A 118 -22.46 -1.02 20.68
N HIS A 119 -22.72 -1.86 19.69
CA HIS A 119 -23.09 -3.24 19.96
C HIS A 119 -21.86 -4.08 20.31
N PHE A 120 -21.87 -4.67 21.51
CA PHE A 120 -20.78 -5.49 22.00
C PHE A 120 -21.18 -6.94 22.01
N ILE A 121 -20.46 -7.77 21.26
CA ILE A 121 -20.65 -9.22 21.32
C ILE A 121 -19.49 -9.85 22.09
N PRO A 122 -19.79 -10.44 23.27
CA PRO A 122 -18.72 -11.02 24.07
C PRO A 122 -18.08 -12.21 23.37
N LYS A 123 -16.79 -12.40 23.61
CA LYS A 123 -16.06 -13.46 22.92
C LYS A 123 -15.25 -14.31 23.88
N ALA A 124 -15.50 -14.10 25.17
CA ALA A 124 -14.86 -14.85 26.25
C ALA A 124 -15.86 -15.03 27.40
N LYS A 125 -15.56 -15.97 28.30
CA LYS A 125 -16.42 -16.25 29.46
C LYS A 125 -15.65 -16.09 30.78
N VAL A 126 -16.41 -15.95 31.87
CA VAL A 126 -15.83 -15.92 33.22
C VAL A 126 -14.97 -17.16 33.41
N GLY A 127 -13.72 -16.96 33.85
CA GLY A 127 -12.79 -18.06 34.05
C GLY A 127 -11.81 -18.31 32.92
N ASP A 128 -11.92 -17.54 31.82
CA ASP A 128 -10.95 -17.63 30.73
C ASP A 128 -9.64 -16.96 31.15
N LYS A 129 -8.53 -17.65 30.91
CA LYS A 129 -7.24 -16.99 31.03
C LYS A 129 -6.99 -16.16 29.76
N VAL A 130 -6.44 -14.94 29.93
CA VAL A 130 -6.17 -14.03 28.83
C VAL A 130 -4.81 -13.36 28.96
N VAL A 131 -4.26 -12.94 27.83
CA VAL A 131 -3.03 -12.16 27.77
C VAL A 131 -3.27 -10.89 26.94
N GLY A 132 -2.28 -10.01 26.90
CA GLY A 132 -2.33 -8.88 26.01
C GLY A 132 -2.69 -9.33 24.59
N GLY A 133 -3.62 -8.58 23.97
CA GLY A 133 -3.96 -8.81 22.57
C GLY A 133 -5.06 -9.82 22.39
N ASP A 134 -5.38 -10.59 23.43
CA ASP A 134 -6.50 -11.54 23.33
C ASP A 134 -7.78 -10.78 23.07
N ILE A 135 -8.66 -11.42 22.32
CA ILE A 135 -9.86 -10.77 21.83
C ILE A 135 -11.04 -11.19 22.71
N ILE A 136 -11.61 -10.21 23.39
CA ILE A 136 -12.61 -10.52 24.41
C ILE A 136 -14.01 -10.22 23.92
N GLY A 137 -14.11 -9.47 22.83
CA GLY A 137 -15.38 -9.22 22.15
C GLY A 137 -15.25 -8.63 20.76
N GLU A 138 -16.40 -8.50 20.08
CA GLU A 138 -16.49 -7.87 18.76
C GLU A 138 -17.49 -6.71 18.75
N VAL A 139 -17.15 -5.65 18.03
CA VAL A 139 -18.07 -4.53 17.82
C VAL A 139 -18.21 -4.19 16.33
N PRO A 140 -19.41 -4.41 15.75
CA PRO A 140 -19.68 -4.04 14.34
C PRO A 140 -19.65 -2.52 14.16
N GLU A 141 -18.55 -1.98 13.67
CA GLU A 141 -18.29 -0.53 13.74
C GLU A 141 -18.73 0.26 12.49
N THR A 142 -18.51 -0.33 11.32
CA THR A 142 -19.07 0.14 10.06
C THR A 142 -19.62 -1.12 9.38
N SER A 143 -20.15 -0.98 8.17
CA SER A 143 -20.70 -2.12 7.44
C SER A 143 -19.60 -2.95 6.79
N ILE A 144 -18.37 -2.45 6.83
CA ILE A 144 -17.23 -3.20 6.33
C ILE A 144 -16.44 -3.90 7.45
N ILE A 145 -16.08 -3.15 8.49
CA ILE A 145 -15.10 -3.57 9.49
C ILE A 145 -15.73 -3.91 10.85
N VAL A 146 -15.52 -5.15 11.27
CA VAL A 146 -15.77 -5.56 12.64
C VAL A 146 -14.59 -5.10 13.51
N HIS A 147 -14.88 -4.32 14.55
CA HIS A 147 -13.86 -3.92 15.50
C HIS A 147 -13.65 -5.05 16.52
N LYS A 148 -12.39 -5.39 16.79
CA LYS A 148 -12.02 -6.50 17.69
C LYS A 148 -11.58 -5.91 19.03
N ILE A 149 -12.25 -6.28 20.12
CA ILE A 149 -11.92 -5.72 21.45
C ILE A 149 -10.85 -6.58 22.09
N MET A 150 -9.70 -5.96 22.33
CA MET A 150 -8.54 -6.68 22.82
C MET A 150 -8.08 -6.23 24.24
N VAL A 151 -7.58 -7.20 24.98
CA VAL A 151 -6.90 -6.91 26.21
C VAL A 151 -5.69 -6.03 25.88
N PRO A 152 -5.54 -4.89 26.57
CA PRO A 152 -4.40 -4.06 26.32
C PRO A 152 -3.09 -4.82 26.62
N PRO A 153 -1.99 -4.43 25.98
CA PRO A 153 -0.70 -5.08 26.25
C PRO A 153 -0.23 -4.82 27.69
N GLY A 154 0.40 -5.84 28.29
CA GLY A 154 0.84 -5.74 29.67
C GLY A 154 -0.19 -6.23 30.66
N ILE A 155 -1.39 -6.52 30.21
CA ILE A 155 -2.42 -7.03 31.08
C ILE A 155 -2.63 -8.52 30.83
N GLU A 156 -2.60 -9.30 31.90
CA GLU A 156 -2.87 -10.72 31.82
C GLU A 156 -3.56 -11.23 33.08
N GLY A 157 -4.31 -12.31 32.97
CA GLY A 157 -4.89 -12.95 34.13
C GLY A 157 -6.15 -13.73 33.84
N GLU A 158 -7.06 -13.78 34.81
CA GLU A 158 -8.34 -14.46 34.65
C GLU A 158 -9.46 -13.43 34.50
N ILE A 159 -10.34 -13.67 33.55
CA ILE A 159 -11.50 -12.84 33.36
C ILE A 159 -12.47 -13.18 34.46
N VAL A 160 -12.75 -12.21 35.34
CA VAL A 160 -13.63 -12.47 36.48
C VAL A 160 -15.03 -11.89 36.27
N GLU A 161 -15.14 -10.99 35.29
CA GLU A 161 -16.39 -10.37 34.94
C GLU A 161 -16.35 -9.98 33.48
N ILE A 162 -17.47 -10.15 32.78
CA ILE A 162 -17.61 -9.73 31.39
C ILE A 162 -19.05 -9.37 30.98
N ALA A 163 -19.22 -8.18 30.42
CA ALA A 163 -20.50 -7.70 29.91
C ALA A 163 -21.19 -8.72 29.03
N GLU A 164 -22.50 -8.81 29.16
CA GLU A 164 -23.32 -9.57 28.23
C GLU A 164 -23.48 -8.77 26.96
N GLU A 165 -23.96 -9.42 25.90
CA GLU A 165 -24.22 -8.72 24.64
C GLU A 165 -25.17 -7.57 24.89
N GLY A 166 -24.94 -6.47 24.18
CA GLY A 166 -25.82 -5.32 24.28
C GLY A 166 -25.14 -4.07 23.80
N ASP A 167 -25.67 -2.94 24.21
CA ASP A 167 -25.24 -1.66 23.68
C ASP A 167 -24.57 -0.86 24.77
N TYR A 168 -23.43 -0.28 24.46
CA TYR A 168 -22.60 0.36 25.48
C TYR A 168 -21.82 1.50 24.89
N THR A 169 -21.64 2.56 25.67
CA THR A 169 -20.74 3.63 25.31
C THR A 169 -19.31 3.20 25.67
N ILE A 170 -18.30 3.89 25.14
CA ILE A 170 -16.93 3.38 25.25
C ILE A 170 -16.28 3.49 26.64
N GLU A 171 -16.84 4.35 27.51
CA GLU A 171 -16.37 4.46 28.90
C GLU A 171 -16.84 3.34 29.81
N GLU A 172 -17.86 2.59 29.40
CA GLU A 172 -18.40 1.50 30.21
C GLU A 172 -17.39 0.35 30.40
N VAL A 173 -17.46 -0.32 31.54
CA VAL A 173 -16.52 -1.37 31.81
C VAL A 173 -17.16 -2.65 31.31
N ILE A 174 -16.56 -3.21 30.26
CA ILE A 174 -17.16 -4.37 29.63
C ILE A 174 -16.54 -5.69 30.08
N ALA A 175 -15.43 -5.59 30.83
CA ALA A 175 -14.75 -6.74 31.41
C ALA A 175 -13.84 -6.40 32.59
N LYS A 176 -13.60 -7.38 33.42
CA LYS A 176 -12.62 -7.25 34.51
C LYS A 176 -11.63 -8.40 34.51
N VAL A 177 -10.35 -8.08 34.63
CA VAL A 177 -9.32 -9.12 34.73
C VAL A 177 -8.58 -9.13 36.08
N LYS A 178 -8.62 -10.28 36.75
CA LYS A 178 -7.82 -10.53 37.94
C LYS A 178 -6.43 -11.02 37.53
N THR A 179 -5.42 -10.18 37.73
CA THR A 179 -4.05 -10.57 37.44
C THR A 179 -3.54 -11.65 38.41
N PRO A 180 -2.42 -12.32 38.07
CA PRO A 180 -1.88 -13.39 38.94
C PRO A 180 -1.57 -12.95 40.38
N SER A 181 -1.30 -11.66 40.59
CA SER A 181 -1.04 -11.15 41.94
C SER A 181 -2.32 -10.68 42.64
N GLY A 182 -3.39 -10.49 41.87
CA GLY A 182 -4.74 -10.34 42.41
C GLY A 182 -5.36 -8.97 42.13
N GLU A 183 -4.55 -8.09 41.58
CA GLU A 183 -5.01 -6.78 41.18
C GLU A 183 -6.12 -6.97 40.14
N ILE A 184 -7.22 -6.24 40.32
CA ILE A 184 -8.33 -6.29 39.37
C ILE A 184 -8.21 -5.15 38.35
N LYS A 185 -8.12 -5.51 37.07
CA LYS A 185 -8.04 -4.52 35.97
C LYS A 185 -9.37 -4.38 35.23
N GLU A 186 -9.76 -3.13 35.01
CA GLU A 186 -11.03 -2.82 34.37
C GLU A 186 -10.84 -2.50 32.89
N LEU A 187 -11.55 -3.24 32.05
CA LEU A 187 -11.34 -3.14 30.60
C LEU A 187 -12.56 -2.54 29.92
N LYS A 188 -12.29 -1.50 29.15
CA LYS A 188 -13.25 -0.80 28.32
C LYS A 188 -13.01 -1.15 26.85
N MET A 189 -13.93 -0.69 25.99
CA MET A 189 -13.85 -0.91 24.56
C MET A 189 -12.70 -0.17 23.86
N TYR A 190 -12.02 0.70 24.58
CA TYR A 190 -10.91 1.42 23.98
C TYR A 190 -9.70 1.34 24.89
N GLN A 191 -8.57 1.86 24.42
CA GLN A 191 -7.34 1.80 25.18
C GLN A 191 -6.50 2.98 24.76
N ARG A 192 -5.47 3.31 25.53
CA ARG A 192 -4.59 4.43 25.18
C ARG A 192 -3.22 3.89 24.96
N TRP A 193 -2.47 4.53 24.07
CA TRP A 193 -1.13 4.07 23.82
C TRP A 193 -0.27 5.25 23.47
N PRO A 194 0.97 5.31 23.99
CA PRO A 194 1.89 6.37 23.59
C PRO A 194 2.38 6.23 22.13
N VAL A 195 1.98 7.20 21.31
CA VAL A 195 2.26 7.19 19.88
C VAL A 195 3.73 6.94 19.56
N ARG A 196 4.61 7.24 20.51
CA ARG A 196 6.05 7.18 20.26
C ARG A 196 6.71 5.84 20.63
N VAL A 197 5.90 4.89 21.08
CA VAL A 197 6.40 3.55 21.41
C VAL A 197 5.73 2.52 20.49
N LYS A 198 6.52 1.71 19.79
CA LYS A 198 5.95 0.70 18.88
C LYS A 198 5.02 -0.16 19.68
N ARG A 199 3.80 -0.40 19.22
CA ARG A 199 2.95 -1.38 19.90
C ARG A 199 3.61 -2.76 19.81
N PRO A 200 3.72 -3.49 20.92
CA PRO A 200 4.46 -4.76 20.90
C PRO A 200 3.74 -5.89 20.15
N TYR A 201 4.51 -6.90 19.81
CA TYR A 201 4.03 -8.05 19.05
C TYR A 201 4.93 -9.23 19.40
N LYS A 202 4.56 -10.44 19.01
CA LYS A 202 5.38 -11.62 19.35
C LYS A 202 6.61 -11.70 18.47
N GLU A 203 6.42 -11.58 17.15
CA GLU A 203 7.51 -11.74 16.19
C GLU A 203 7.23 -10.95 14.89
N LYS A 204 8.26 -10.32 14.35
CA LYS A 204 8.19 -9.66 13.06
C LYS A 204 8.59 -10.65 11.97
N LEU A 205 7.65 -11.06 11.14
CA LEU A 205 7.89 -12.07 10.11
C LEU A 205 8.68 -11.53 8.92
N PRO A 206 9.54 -12.37 8.30
CA PRO A 206 10.22 -11.85 7.11
C PRO A 206 9.25 -11.60 5.96
N PRO A 207 9.55 -10.61 5.11
CA PRO A 207 8.74 -10.35 3.92
C PRO A 207 8.44 -11.62 3.16
N GLU A 208 7.16 -11.84 2.81
CA GLU A 208 6.79 -13.12 2.20
C GLU A 208 5.55 -13.05 1.30
N VAL A 209 4.56 -12.27 1.69
CA VAL A 209 3.27 -12.25 1.02
C VAL A 209 3.17 -10.88 0.36
N PRO A 210 2.90 -10.85 -0.97
CA PRO A 210 2.80 -9.53 -1.63
C PRO A 210 1.57 -8.78 -1.18
N LEU A 211 1.67 -7.47 -1.08
CA LEU A 211 0.49 -6.61 -1.02
C LEU A 211 0.02 -6.53 -2.48
N ILE A 212 -1.12 -7.16 -2.78
CA ILE A 212 -1.63 -7.18 -4.14
C ILE A 212 -2.44 -5.93 -4.44
N THR A 213 -2.04 -5.27 -5.52
CA THR A 213 -2.39 -3.91 -5.79
C THR A 213 -3.33 -3.96 -7.03
N GLY A 214 -3.23 -5.06 -7.80
CA GLY A 214 -3.95 -5.17 -9.06
C GLY A 214 -3.45 -4.25 -10.17
N GLN A 215 -2.35 -3.56 -9.92
CA GLN A 215 -1.65 -2.75 -10.91
C GLN A 215 -0.42 -3.53 -11.42
N ARG A 216 -0.40 -3.79 -12.72
CA ARG A 216 0.47 -4.79 -13.33
C ARG A 216 1.93 -4.46 -13.11
N VAL A 217 2.30 -3.21 -13.36
CA VAL A 217 3.72 -2.83 -13.31
C VAL A 217 4.24 -3.01 -11.88
N ILE A 218 3.39 -2.71 -10.90
CA ILE A 218 3.77 -2.79 -9.51
C ILE A 218 3.82 -4.25 -9.07
N ASP A 219 2.71 -4.98 -9.22
CA ASP A 219 2.65 -6.37 -8.77
C ASP A 219 3.69 -7.27 -9.45
N THR A 220 4.00 -6.97 -10.71
CA THR A 220 4.88 -7.80 -11.52
C THR A 220 6.35 -7.41 -11.35
N PHE A 221 6.64 -6.12 -11.54
CA PHE A 221 8.02 -5.67 -11.57
C PHE A 221 8.55 -5.06 -10.27
N PHE A 222 7.69 -4.36 -9.53
CA PHE A 222 8.14 -3.64 -8.33
C PHE A 222 7.21 -3.88 -7.12
N PRO A 223 7.08 -5.14 -6.73
CA PRO A 223 6.10 -5.50 -5.73
C PRO A 223 6.39 -4.95 -4.34
N GLN A 224 5.31 -4.71 -3.63
CA GLN A 224 5.32 -4.39 -2.24
C GLN A 224 4.92 -5.66 -1.49
N ALA A 225 5.65 -5.96 -0.42
CA ALA A 225 5.21 -7.04 0.48
C ALA A 225 4.24 -6.52 1.55
N LYS A 226 3.30 -7.32 2.01
CA LYS A 226 2.59 -6.93 3.23
C LYS A 226 3.61 -6.73 4.36
N GLY A 227 3.56 -5.55 5.00
CA GLY A 227 4.51 -5.19 6.06
C GLY A 227 5.71 -4.47 5.53
N GLY A 228 5.72 -4.26 4.21
CA GLY A 228 6.84 -3.60 3.52
C GLY A 228 6.77 -2.09 3.51
N THR A 229 7.84 -1.45 3.02
CA THR A 229 7.99 -0.03 2.98
C THR A 229 8.25 0.43 1.54
N ALA A 230 7.49 1.43 1.10
CA ALA A 230 7.56 1.92 -0.29
C ALA A 230 7.51 3.45 -0.35
N ALA A 231 8.17 4.00 -1.34
CA ALA A 231 8.09 5.41 -1.57
C ALA A 231 7.67 5.72 -3.02
N ILE A 232 7.01 6.88 -3.19
CA ILE A 232 6.54 7.36 -4.48
C ILE A 232 6.67 8.91 -4.57
N PRO A 233 6.99 9.49 -5.75
CA PRO A 233 7.00 10.95 -5.75
C PRO A 233 5.70 11.58 -5.27
N GLY A 234 5.84 12.59 -4.40
CA GLY A 234 4.72 13.19 -3.68
C GLY A 234 3.99 14.34 -4.37
N PRO A 235 3.16 15.05 -3.60
CA PRO A 235 1.76 15.37 -3.76
C PRO A 235 0.90 14.16 -4.14
N PHE A 236 0.25 13.58 -3.12
CA PHE A 236 -0.83 12.64 -3.31
C PHE A 236 -2.01 13.32 -4.03
N GLY A 237 -2.18 14.62 -3.75
CA GLY A 237 -3.19 15.42 -4.42
C GLY A 237 -2.83 15.83 -5.84
N SER A 238 -1.64 15.44 -6.30
CA SER A 238 -1.19 15.75 -7.67
C SER A 238 -2.18 15.19 -8.69
N GLY A 239 -2.59 16.06 -9.62
CA GLY A 239 -3.56 15.68 -10.64
C GLY A 239 -2.92 15.05 -11.87
N LYS A 240 -1.60 14.88 -11.84
CA LYS A 240 -0.90 14.35 -13.00
C LYS A 240 -0.83 12.82 -13.02
N THR A 241 -1.25 12.23 -11.89
CA THR A 241 -1.18 10.78 -11.62
C THR A 241 -2.44 10.35 -10.88
N VAL A 242 -2.75 9.05 -10.93
CA VAL A 242 -3.87 8.48 -10.16
C VAL A 242 -3.53 7.14 -9.47
N THR A 243 -2.27 6.70 -9.56
CA THR A 243 -1.89 5.44 -8.92
C THR A 243 -1.99 5.52 -7.41
N GLN A 244 -1.68 6.69 -6.85
CA GLN A 244 -1.81 6.93 -5.41
C GLN A 244 -3.22 6.60 -4.96
N HIS A 245 -4.21 6.98 -5.76
CA HIS A 245 -5.61 6.65 -5.47
C HIS A 245 -5.94 5.18 -5.76
N GLN A 246 -5.36 4.62 -6.83
CA GLN A 246 -5.50 3.18 -7.14
C GLN A 246 -4.99 2.28 -5.98
N LEU A 247 -3.86 2.63 -5.41
CA LEU A 247 -3.29 1.92 -4.29
C LEU A 247 -4.20 1.93 -3.07
N ALA A 248 -4.74 3.10 -2.72
CA ALA A 248 -5.68 3.20 -1.60
C ALA A 248 -6.91 2.31 -1.71
N LYS A 249 -7.50 2.26 -2.90
CA LYS A 249 -8.76 1.52 -3.05
C LYS A 249 -8.62 0.06 -3.42
N TRP A 250 -7.50 -0.31 -4.04
CA TRP A 250 -7.39 -1.68 -4.55
C TRP A 250 -6.44 -2.64 -3.79
N SER A 251 -5.49 -2.11 -3.03
CA SER A 251 -4.59 -2.99 -2.28
C SER A 251 -5.39 -3.95 -1.39
N ASP A 252 -4.93 -5.18 -1.20
CA ASP A 252 -5.68 -6.06 -0.28
C ASP A 252 -5.30 -5.90 1.21
N ALA A 253 -5.34 -4.66 1.66
CA ALA A 253 -5.35 -4.29 3.07
C ALA A 253 -6.81 -4.08 3.40
N GLN A 254 -7.25 -4.48 4.60
CA GLN A 254 -8.65 -4.27 4.96
C GLN A 254 -8.89 -2.82 5.41
N VAL A 255 -7.84 -2.17 5.90
CA VAL A 255 -7.99 -0.87 6.51
C VAL A 255 -6.90 -0.02 5.93
N VAL A 256 -7.23 1.25 5.70
CA VAL A 256 -6.30 2.24 5.19
C VAL A 256 -6.17 3.38 6.23
N ILE A 257 -4.94 3.78 6.56
CA ILE A 257 -4.71 4.95 7.35
C ILE A 257 -4.00 5.93 6.43
N TYR A 258 -4.64 7.08 6.21
CA TYR A 258 -4.17 8.06 5.24
C TYR A 258 -3.81 9.38 5.90
N ILE A 259 -2.56 9.76 5.78
CA ILE A 259 -2.10 11.02 6.30
C ILE A 259 -1.91 11.94 5.10
N GLY A 260 -3.04 12.48 4.64
CA GLY A 260 -3.07 13.46 3.60
C GLY A 260 -2.72 14.81 4.18
N CYS A 261 -1.44 15.14 4.12
CA CYS A 261 -1.01 16.50 4.38
C CYS A 261 -0.89 17.27 3.07
N GLY A 262 -2.03 17.42 2.41
CA GLY A 262 -2.20 18.39 1.35
C GLY A 262 -2.61 19.66 2.07
N GLU A 263 -1.82 20.73 1.88
CA GLU A 263 -1.88 21.89 2.77
C GLU A 263 -2.70 23.11 2.30
N ARG A 264 -2.76 23.36 0.99
CA ARG A 264 -3.39 24.58 0.45
C ARG A 264 -4.38 24.37 -0.70
N GLY A 265 -5.52 25.06 -0.62
CA GLY A 265 -6.45 25.23 -1.73
C GLY A 265 -7.03 23.99 -2.39
N ASN A 266 -6.56 23.70 -3.62
CA ASN A 266 -7.09 22.61 -4.45
C ASN A 266 -6.74 21.20 -3.95
N GLU A 267 -5.90 21.14 -2.92
CA GLU A 267 -5.51 19.89 -2.27
C GLU A 267 -5.86 19.91 -0.78
N MET A 268 -7.11 20.24 -0.46
CA MET A 268 -7.53 20.38 0.95
C MET A 268 -9.05 20.34 1.16
N THR A 269 -9.80 21.02 0.30
CA THR A 269 -11.27 21.02 0.38
C THR A 269 -11.83 19.95 -0.55
N ASP A 270 -10.96 19.37 -1.37
CA ASP A 270 -11.28 18.20 -2.17
C ASP A 270 -11.21 16.94 -1.31
N VAL A 271 -10.52 17.04 -0.19
CA VAL A 271 -10.48 15.96 0.80
C VAL A 271 -11.85 15.83 1.50
N LEU A 272 -12.43 16.95 1.92
CA LEU A 272 -13.77 16.97 2.54
C LEU A 272 -14.88 16.90 1.48
N GLU A 273 -15.87 16.07 1.77
CA GLU A 273 -17.08 15.89 0.92
C GLU A 273 -16.86 15.41 -0.54
N GLU A 274 -15.81 14.63 -0.73
CA GLU A 274 -15.63 13.77 -1.90
C GLU A 274 -15.33 12.39 -1.34
N PHE A 275 -14.38 12.34 -0.42
CA PHE A 275 -14.03 11.14 0.32
C PHE A 275 -15.25 10.42 0.94
N PRO A 276 -16.24 11.18 1.45
CA PRO A 276 -17.53 10.59 1.85
C PRO A 276 -18.35 9.97 0.71
N LYS A 277 -18.12 10.43 -0.53
CA LYS A 277 -18.81 9.88 -1.69
C LYS A 277 -17.99 8.80 -2.41
N LEU A 278 -16.67 8.80 -2.16
CA LEU A 278 -15.78 7.78 -2.74
C LEU A 278 -16.19 6.37 -2.36
N LYS A 279 -16.18 5.48 -3.33
CA LYS A 279 -16.58 4.12 -3.10
C LYS A 279 -15.38 3.24 -2.83
N ASP A 280 -15.62 2.21 -2.02
CA ASP A 280 -14.74 1.09 -1.89
C ASP A 280 -15.22 0.11 -2.95
N PRO A 281 -14.44 -0.05 -4.03
CA PRO A 281 -14.88 -0.82 -5.21
C PRO A 281 -15.13 -2.29 -4.92
N LYS A 282 -14.60 -2.77 -3.80
CA LYS A 282 -14.76 -4.16 -3.40
C LYS A 282 -16.12 -4.45 -2.77
N THR A 283 -16.79 -3.42 -2.25
CA THR A 283 -18.03 -3.61 -1.47
C THR A 283 -19.19 -2.70 -1.88
N GLY A 284 -18.92 -1.74 -2.76
CA GLY A 284 -19.93 -0.76 -3.10
C GLY A 284 -20.09 0.34 -2.07
N LYS A 285 -19.71 0.05 -0.82
CA LYS A 285 -19.84 1.00 0.31
C LYS A 285 -18.78 2.11 0.26
N PRO A 286 -18.91 3.17 1.09
CA PRO A 286 -17.87 4.21 0.96
C PRO A 286 -16.51 3.79 1.54
N LEU A 287 -15.44 4.28 0.92
CA LEU A 287 -14.07 4.00 1.31
C LEU A 287 -13.78 4.37 2.79
N MET A 288 -14.39 5.47 3.25
CA MET A 288 -14.18 5.99 4.61
C MET A 288 -14.63 4.99 5.68
N GLU A 289 -15.52 4.08 5.31
CA GLU A 289 -15.91 3.01 6.21
C GLU A 289 -14.80 1.96 6.53
N ARG A 290 -13.60 2.16 5.97
CA ARG A 290 -12.43 1.32 6.24
C ARG A 290 -11.19 2.21 6.26
N THR A 291 -11.42 3.50 6.46
CA THR A 291 -10.35 4.50 6.44
C THR A 291 -10.39 5.40 7.68
N VAL A 292 -9.21 5.92 8.05
CA VAL A 292 -9.03 6.95 9.05
C VAL A 292 -8.19 8.00 8.36
N LEU A 293 -8.73 9.21 8.21
CA LEU A 293 -8.00 10.32 7.64
C LEU A 293 -7.28 11.09 8.72
N ILE A 294 -6.03 11.41 8.47
CA ILE A 294 -5.26 12.30 9.30
C ILE A 294 -4.81 13.49 8.48
N ALA A 295 -5.40 14.65 8.79
CA ALA A 295 -5.19 15.89 8.04
C ALA A 295 -3.92 16.57 8.50
N ASN A 296 -3.23 17.22 7.56
CA ASN A 296 -2.04 18.00 7.88
C ASN A 296 -1.98 19.30 7.07
N THR A 297 -2.80 20.27 7.47
CA THR A 297 -2.93 21.55 6.77
C THR A 297 -1.84 22.57 7.13
N SER A 298 -1.65 23.57 6.27
CA SER A 298 -0.77 24.74 6.57
C SER A 298 -1.29 25.57 7.74
N ASN A 299 -2.60 25.51 7.96
CA ASN A 299 -3.27 26.05 9.14
C ASN A 299 -2.72 25.50 10.45
N MET A 300 -2.21 24.26 10.43
CA MET A 300 -1.83 23.53 11.64
C MET A 300 -0.42 23.80 12.15
N PRO A 301 -0.23 23.73 13.48
CA PRO A 301 1.06 23.86 14.12
C PRO A 301 2.05 22.76 13.72
N VAL A 302 3.29 23.19 13.48
CA VAL A 302 4.37 22.34 12.99
C VAL A 302 4.67 21.13 13.88
N ALA A 303 4.28 21.21 15.15
CA ALA A 303 4.50 20.11 16.10
C ALA A 303 3.48 18.98 15.93
N ALA A 304 2.21 19.33 15.65
CA ALA A 304 1.20 18.33 15.38
C ALA A 304 1.38 17.67 14.00
N ARG A 305 1.90 18.45 13.04
CA ARG A 305 2.22 17.91 11.71
C ARG A 305 3.28 16.83 11.83
N GLU A 306 4.37 17.16 12.52
CA GLU A 306 5.46 16.22 12.80
C GLU A 306 4.96 14.92 13.44
N ALA A 307 4.01 15.05 14.36
CA ALA A 307 3.59 13.96 15.21
C ALA A 307 2.57 13.05 14.51
N SER A 308 2.02 13.56 13.41
CA SER A 308 0.91 12.92 12.68
C SER A 308 1.24 11.50 12.19
N ILE A 309 2.48 11.29 11.75
CA ILE A 309 2.87 9.98 11.23
C ILE A 309 2.98 8.93 12.34
N TYR A 310 3.43 9.37 13.51
CA TYR A 310 3.50 8.54 14.73
C TYR A 310 2.13 8.16 15.21
N THR A 311 1.21 9.10 15.10
CA THR A 311 -0.21 8.90 15.42
C THR A 311 -0.87 7.94 14.43
N GLY A 312 -0.58 8.12 13.14
CA GLY A 312 -1.11 7.26 12.08
C GLY A 312 -0.60 5.82 12.21
N ILE A 313 0.70 5.66 12.42
CA ILE A 313 1.29 4.33 12.51
C ILE A 313 0.92 3.62 13.79
N THR A 314 0.72 4.36 14.88
CA THR A 314 0.12 3.76 16.09
C THR A 314 -1.29 3.27 15.80
N ILE A 315 -2.08 4.04 15.06
CA ILE A 315 -3.44 3.57 14.74
C ILE A 315 -3.39 2.34 13.79
N ALA A 316 -2.47 2.37 12.83
CA ALA A 316 -2.27 1.24 11.89
C ALA A 316 -1.93 -0.06 12.69
N GLU A 317 -0.93 0.05 13.58
CA GLU A 317 -0.49 -1.04 14.47
C GLU A 317 -1.60 -1.63 15.28
N TYR A 318 -2.49 -0.76 15.74
CA TYR A 318 -3.64 -1.21 16.49
C TYR A 318 -4.57 -2.06 15.64
N PHE A 319 -4.81 -1.67 14.40
CA PHE A 319 -5.60 -2.56 13.50
C PHE A 319 -4.82 -3.82 13.08
N ARG A 320 -3.54 -3.70 12.81
CA ARG A 320 -2.67 -4.87 12.65
C ARG A 320 -2.88 -5.92 13.80
N ASP A 321 -2.83 -5.44 15.05
CA ASP A 321 -2.96 -6.29 16.24
C ASP A 321 -4.24 -7.11 16.28
N MET A 322 -5.28 -6.65 15.59
CA MET A 322 -6.53 -7.43 15.50
C MET A 322 -6.47 -8.56 14.48
N GLY A 323 -5.44 -8.56 13.63
CA GLY A 323 -5.35 -9.54 12.56
C GLY A 323 -5.63 -8.95 11.17
N TYR A 324 -5.65 -7.61 11.07
CA TYR A 324 -5.89 -6.96 9.79
C TYR A 324 -4.59 -6.66 9.06
N ASP A 325 -4.69 -6.66 7.74
CA ASP A 325 -3.68 -6.04 6.94
C ASP A 325 -4.04 -4.59 6.76
N VAL A 326 -3.10 -3.71 7.06
CA VAL A 326 -3.41 -2.31 6.95
C VAL A 326 -2.38 -1.63 6.12
N ALA A 327 -2.83 -0.64 5.34
CA ALA A 327 -1.96 0.17 4.50
C ALA A 327 -1.91 1.56 5.10
N LEU A 328 -0.71 2.05 5.35
CA LEU A 328 -0.56 3.37 5.88
C LEU A 328 0.06 4.20 4.76
N MET A 329 -0.64 5.25 4.36
CA MET A 329 -0.19 6.13 3.27
C MET A 329 0.11 7.53 3.81
N ALA A 330 1.37 7.93 3.72
CA ALA A 330 1.87 9.17 4.30
C ALA A 330 2.23 10.18 3.22
N ASP A 331 1.45 11.25 3.17
CA ASP A 331 1.63 12.34 2.21
C ASP A 331 2.77 13.24 2.66
N SER A 332 3.22 14.09 1.76
CA SER A 332 4.34 15.00 2.02
C SER A 332 4.39 16.06 0.94
N THR A 333 5.01 17.19 1.25
CA THR A 333 4.92 18.36 0.39
C THR A 333 6.26 19.11 0.28
N SER A 334 6.46 19.80 -0.84
CA SER A 334 7.60 20.69 -1.04
C SER A 334 7.59 21.76 0.06
N ARG A 335 8.39 21.56 1.10
CA ARG A 335 8.29 22.35 2.33
C ARG A 335 9.64 22.67 2.99
N TRP A 336 9.65 23.73 3.81
CA TRP A 336 10.86 24.14 4.53
C TRP A 336 10.92 23.59 5.96
N ALA A 337 11.34 22.33 6.09
CA ALA A 337 11.61 21.72 7.38
C ALA A 337 13.05 22.04 7.75
N GLU A 338 13.20 22.91 8.75
CA GLU A 338 14.51 23.43 9.19
C GLU A 338 14.44 23.92 10.65
N ALA A 339 15.45 23.53 11.43
CA ALA A 339 15.50 23.76 12.89
C ALA A 339 14.36 23.08 13.65
N GLU A 354 20.86 16.83 20.25
CA GLU A 354 21.22 15.70 19.40
C GLU A 354 21.97 16.16 18.14
N GLY A 355 23.04 15.43 17.81
CA GLY A 355 23.88 15.75 16.64
C GLY A 355 23.09 15.72 15.34
N TYR A 356 22.68 16.89 14.88
CA TYR A 356 21.69 17.05 13.81
C TYR A 356 22.11 16.55 12.39
N PRO A 357 21.54 17.14 11.31
CA PRO A 357 21.18 16.44 10.07
C PRO A 357 20.97 14.92 10.15
N ALA A 358 22.02 14.18 10.51
CA ALA A 358 22.01 12.72 10.61
C ALA A 358 20.95 12.16 11.57
N TYR A 359 20.55 12.97 12.55
CA TYR A 359 19.66 12.52 13.62
C TYR A 359 18.22 12.33 13.17
N LEU A 360 17.70 13.32 12.45
CA LEU A 360 16.35 13.27 11.93
C LEU A 360 16.21 12.06 10.98
N ALA A 361 17.19 11.91 10.10
CA ALA A 361 17.32 10.77 9.19
C ALA A 361 17.30 9.41 9.90
N SER A 362 17.92 9.36 11.08
CA SER A 362 17.93 8.18 11.95
C SER A 362 16.57 7.93 12.58
N LYS A 363 15.83 9.00 12.87
CA LYS A 363 14.50 8.90 13.47
C LYS A 363 13.46 8.50 12.43
N LEU A 364 13.65 8.95 11.19
CA LEU A 364 12.79 8.59 10.07
C LEU A 364 12.90 7.09 9.83
N ALA A 365 14.14 6.59 9.85
CA ALA A 365 14.42 5.17 9.77
C ALA A 365 13.61 4.42 10.80
N GLU A 366 13.58 4.93 12.03
CA GLU A 366 12.84 4.30 13.11
C GLU A 366 11.35 4.25 12.82
N PHE A 367 10.81 5.33 12.24
CA PHE A 367 9.40 5.35 11.85
C PHE A 367 9.09 4.24 10.83
N TYR A 368 9.94 4.15 9.80
CA TYR A 368 9.79 3.12 8.77
C TYR A 368 10.07 1.72 9.31
N GLU A 369 10.80 1.65 10.42
CA GLU A 369 11.09 0.35 11.06
C GLU A 369 9.85 -0.19 11.76
N ARG A 370 8.82 0.64 11.94
CA ARG A 370 7.57 0.19 12.58
C ARG A 370 6.61 -0.53 11.63
N ALA A 371 6.92 -0.50 10.33
CA ALA A 371 6.18 -1.29 9.34
C ALA A 371 6.55 -2.74 9.52
N GLY A 372 5.61 -3.64 9.29
CA GLY A 372 5.95 -5.05 9.26
C GLY A 372 4.75 -5.95 9.39
N ARG A 373 4.89 -7.20 8.96
CA ARG A 373 3.86 -8.21 9.19
C ARG A 373 4.29 -9.00 10.42
N VAL A 374 3.38 -9.21 11.36
CA VAL A 374 3.78 -9.75 12.65
C VAL A 374 2.86 -10.84 13.11
N VAL A 375 3.38 -11.77 13.90
CA VAL A 375 2.54 -12.60 14.77
C VAL A 375 2.19 -11.65 15.93
N THR A 376 0.91 -11.47 16.17
CA THR A 376 0.47 -10.45 17.11
C THR A 376 0.45 -11.03 18.56
N LEU A 377 0.40 -10.13 19.55
CA LEU A 377 0.09 -10.55 20.93
C LEU A 377 -1.24 -11.27 20.93
N GLY A 378 -1.43 -12.20 21.87
CA GLY A 378 -2.67 -12.97 22.02
C GLY A 378 -2.36 -14.44 22.19
N SER A 379 -3.37 -15.22 22.55
CA SER A 379 -3.20 -16.66 22.79
C SER A 379 -3.39 -17.49 21.53
N ASP A 380 -4.18 -16.98 20.60
CA ASP A 380 -4.31 -17.61 19.30
C ASP A 380 -3.15 -17.12 18.43
N TYR A 381 -2.62 -18.01 17.58
CA TYR A 381 -1.68 -17.60 16.53
C TYR A 381 -2.42 -16.68 15.56
N ARG A 382 -1.93 -15.46 15.42
CA ARG A 382 -2.65 -14.41 14.69
C ARG A 382 -1.64 -13.55 14.03
N VAL A 383 -1.91 -13.21 12.76
CA VAL A 383 -0.96 -12.43 11.95
C VAL A 383 -1.68 -11.20 11.43
N GLY A 384 -0.99 -10.07 11.42
CA GLY A 384 -1.56 -8.84 10.95
C GLY A 384 -0.40 -8.09 10.37
N SER A 385 -0.70 -6.96 9.74
CA SER A 385 0.25 -6.25 8.91
C SER A 385 0.09 -4.73 8.88
N VAL A 386 1.20 -3.99 8.82
CA VAL A 386 1.20 -2.60 8.38
C VAL A 386 2.19 -2.39 7.24
N SER A 387 1.68 -2.02 6.07
CA SER A 387 2.57 -1.65 4.95
C SER A 387 2.58 -0.14 4.76
N VAL A 388 3.76 0.40 4.56
CA VAL A 388 3.91 1.84 4.48
C VAL A 388 4.20 2.28 3.06
N ILE A 389 3.37 3.19 2.55
CA ILE A 389 3.67 3.93 1.33
C ILE A 389 3.87 5.42 1.62
N GLY A 390 5.11 5.88 1.53
CA GLY A 390 5.42 7.28 1.75
C GLY A 390 5.59 8.12 0.47
N ALA A 391 4.91 9.27 0.44
CA ALA A 391 5.11 10.27 -0.60
C ALA A 391 6.43 11.01 -0.39
N VAL A 392 7.08 11.35 -1.49
CA VAL A 392 8.36 12.02 -1.41
C VAL A 392 8.36 13.20 -2.39
N SER A 393 8.58 14.41 -1.85
CA SER A 393 8.58 15.63 -2.66
C SER A 393 9.69 16.57 -2.18
N PRO A 394 10.80 16.64 -2.94
CA PRO A 394 11.91 17.54 -2.63
C PRO A 394 11.48 19.01 -2.81
N PRO A 395 12.18 19.94 -2.12
CA PRO A 395 11.94 21.38 -2.31
C PRO A 395 11.98 21.81 -3.77
N GLY A 396 13.03 21.40 -4.48
CA GLY A 396 13.16 21.75 -5.90
C GLY A 396 12.64 20.64 -6.79
N GLY A 397 13.00 20.71 -8.07
CA GLY A 397 12.70 19.62 -9.00
C GLY A 397 13.54 18.40 -8.65
N ASP A 398 14.82 18.63 -8.35
CA ASP A 398 15.81 17.57 -8.14
C ASP A 398 15.59 16.72 -6.88
N PHE A 399 15.72 15.41 -7.06
CA PHE A 399 15.48 14.46 -5.98
C PHE A 399 16.76 14.15 -5.22
N SER A 400 17.36 15.18 -4.65
CA SER A 400 18.59 15.04 -3.87
C SER A 400 18.34 15.14 -2.36
N GLU A 401 18.60 16.29 -1.78
CA GLU A 401 18.54 16.41 -0.31
C GLU A 401 17.09 16.52 0.19
N PRO A 402 16.86 17.23 1.32
CA PRO A 402 15.91 16.81 2.34
C PRO A 402 15.42 15.34 2.26
N VAL A 403 14.10 15.19 2.17
CA VAL A 403 13.41 13.93 2.39
C VAL A 403 13.83 12.72 1.53
N VAL A 404 14.22 12.97 0.28
CA VAL A 404 14.33 11.89 -0.72
C VAL A 404 15.53 10.93 -0.55
N GLN A 405 16.74 11.44 -0.47
CA GLN A 405 17.91 10.60 -0.18
C GLN A 405 17.78 9.82 1.15
N ASN A 406 17.27 10.48 2.18
CA ASN A 406 17.05 9.85 3.48
C ASN A 406 15.94 8.79 3.49
N THR A 407 14.89 9.02 2.70
CA THR A 407 13.81 8.06 2.54
C THR A 407 14.29 6.84 1.73
N LEU A 408 15.06 7.09 0.69
CA LEU A 408 15.45 6.05 -0.26
C LEU A 408 16.51 5.07 0.25
N ARG A 409 17.05 5.35 1.44
CA ARG A 409 17.98 4.45 2.09
C ARG A 409 17.23 3.45 2.95
N VAL A 410 16.04 3.82 3.36
CA VAL A 410 15.28 3.00 4.29
C VAL A 410 14.20 2.17 3.59
N VAL A 411 13.61 2.71 2.53
CA VAL A 411 12.51 2.03 1.83
C VAL A 411 13.03 0.92 0.92
N LYS A 412 12.25 -0.15 0.81
CA LYS A 412 12.66 -1.29 0.02
C LYS A 412 12.06 -1.24 -1.37
N VAL A 413 11.09 -0.33 -1.58
CA VAL A 413 10.43 -0.14 -2.87
C VAL A 413 10.35 1.34 -3.26
N PHE A 414 10.75 1.67 -4.50
CA PHE A 414 10.54 2.99 -5.07
C PHE A 414 9.78 2.91 -6.40
N TRP A 415 8.62 3.55 -6.47
CA TRP A 415 7.87 3.64 -7.71
C TRP A 415 8.10 5.01 -8.32
N ALA A 416 8.97 5.05 -9.33
CA ALA A 416 9.43 6.34 -9.87
C ALA A 416 8.46 6.94 -10.90
N LEU A 417 7.43 7.59 -10.38
CA LEU A 417 6.53 8.43 -11.18
C LEU A 417 7.36 9.44 -11.95
N ASP A 418 7.10 9.53 -13.24
CA ASP A 418 8.02 10.13 -14.19
C ASP A 418 7.25 11.09 -15.11
N ALA A 419 7.54 12.39 -14.96
CA ALA A 419 6.83 13.44 -15.69
C ALA A 419 6.89 13.24 -17.22
N ASP A 420 7.98 12.66 -17.71
CA ASP A 420 8.09 12.43 -19.16
C ASP A 420 7.24 11.27 -19.66
N LEU A 421 6.99 10.28 -18.81
CA LEU A 421 6.05 9.22 -19.16
C LEU A 421 4.63 9.76 -19.22
N ALA A 422 4.28 10.59 -18.23
CA ALA A 422 2.99 11.23 -18.14
C ALA A 422 2.65 12.09 -19.35
N ARG A 423 3.61 12.89 -19.83
CA ARG A 423 3.39 13.76 -21.00
C ARG A 423 3.20 12.94 -22.24
N ARG A 424 3.89 11.81 -22.32
CA ARG A 424 3.66 10.86 -23.41
C ARG A 424 2.36 10.08 -23.18
N ARG A 425 1.68 10.36 -22.07
CA ARG A 425 0.49 9.60 -21.68
C ARG A 425 0.71 8.07 -21.59
N HIS A 426 1.88 7.66 -21.12
CA HIS A 426 2.09 6.28 -20.77
C HIS A 426 1.62 6.14 -19.32
N PHE A 427 0.47 5.50 -19.10
CA PHE A 427 -0.09 5.44 -17.73
C PHE A 427 -0.12 4.06 -17.19
N PRO A 428 -0.23 4.01 -15.86
CA PRO A 428 0.72 4.45 -14.80
C PRO A 428 2.07 4.93 -15.30
N ALA A 429 2.42 6.15 -14.94
CA ALA A 429 3.65 6.78 -15.37
C ALA A 429 4.87 6.36 -14.54
N ILE A 430 4.98 5.07 -14.30
CA ILE A 430 6.07 4.51 -13.53
C ILE A 430 7.25 4.09 -14.41
N ASN A 431 8.37 4.78 -14.21
CA ASN A 431 9.58 4.53 -15.01
C ASN A 431 10.07 3.14 -14.61
N TRP A 432 10.09 2.24 -15.58
CA TRP A 432 10.41 0.84 -15.34
C TRP A 432 11.92 0.60 -15.28
N LEU A 433 12.71 1.64 -15.55
CA LEU A 433 14.17 1.59 -15.46
C LEU A 433 14.75 2.19 -14.19
N THR A 434 14.02 3.12 -13.56
CA THR A 434 14.55 3.77 -12.37
C THR A 434 13.85 3.33 -11.11
N SER A 435 12.72 2.65 -11.23
CA SER A 435 12.02 2.05 -10.09
C SER A 435 12.73 0.79 -9.65
N TYR A 436 12.44 0.33 -8.43
CA TYR A 436 13.03 -0.93 -7.96
C TYR A 436 12.21 -1.47 -6.80
N SER A 437 12.26 -2.77 -6.60
CA SER A 437 11.71 -3.39 -5.40
C SER A 437 12.71 -4.42 -4.91
N LEU A 438 12.97 -4.43 -3.62
CA LEU A 438 13.90 -5.44 -3.07
C LEU A 438 13.14 -6.61 -2.53
N TYR A 439 11.85 -6.67 -2.88
CA TYR A 439 10.97 -7.72 -2.41
C TYR A 439 10.69 -8.80 -3.45
N VAL A 440 11.31 -8.73 -4.62
CA VAL A 440 10.97 -9.70 -5.67
C VAL A 440 11.20 -11.17 -5.23
N ASP A 441 12.36 -11.45 -4.66
CA ASP A 441 12.69 -12.77 -4.14
C ASP A 441 11.87 -13.11 -2.93
N ALA A 442 11.58 -12.13 -2.11
CA ALA A 442 10.73 -12.35 -0.93
C ALA A 442 9.35 -12.86 -1.31
N VAL A 443 8.78 -12.37 -2.42
CA VAL A 443 7.38 -12.71 -2.70
C VAL A 443 7.19 -13.80 -3.76
N LYS A 444 8.28 -14.18 -4.43
CA LYS A 444 8.17 -15.08 -5.59
C LYS A 444 7.50 -16.39 -5.28
N ASP A 445 7.84 -16.98 -4.13
CA ASP A 445 7.28 -18.30 -3.78
C ASP A 445 5.78 -18.28 -3.53
N TRP A 446 5.25 -17.15 -3.08
CA TRP A 446 3.81 -16.97 -2.97
C TRP A 446 3.16 -17.01 -4.35
N TRP A 447 3.76 -16.32 -5.32
CA TRP A 447 3.28 -16.37 -6.72
C TRP A 447 3.41 -17.79 -7.33
N HIS A 448 4.55 -18.43 -7.11
CA HIS A 448 4.82 -19.73 -7.73
C HIS A 448 3.86 -20.78 -7.21
N LYS A 449 3.61 -20.74 -5.92
CA LYS A 449 2.77 -21.71 -5.26
C LYS A 449 1.28 -21.42 -5.47
N ASN A 450 0.89 -20.15 -5.54
CA ASN A 450 -0.54 -19.86 -5.57
C ASN A 450 -1.09 -19.49 -6.94
N ILE A 451 -0.23 -18.93 -7.79
CA ILE A 451 -0.74 -18.35 -9.03
C ILE A 451 -0.15 -19.02 -10.27
N ASP A 452 1.18 -18.99 -10.38
CA ASP A 452 1.85 -19.53 -11.57
C ASP A 452 3.30 -19.87 -11.18
N PRO A 453 3.71 -21.14 -11.40
CA PRO A 453 5.11 -21.54 -11.08
C PRO A 453 6.17 -20.80 -11.88
N GLU A 454 5.79 -20.15 -12.97
CA GLU A 454 6.76 -19.44 -13.82
C GLU A 454 6.81 -17.90 -13.63
N TRP A 455 6.10 -17.38 -12.63
CA TRP A 455 6.02 -15.93 -12.37
C TRP A 455 7.36 -15.16 -12.47
N LYS A 456 8.33 -15.59 -11.68
CA LYS A 456 9.67 -14.97 -11.60
C LYS A 456 10.48 -15.08 -12.90
N ALA A 457 10.45 -16.24 -13.55
CA ALA A 457 11.11 -16.41 -14.84
C ALA A 457 10.52 -15.45 -15.87
N MET A 458 9.19 -15.38 -15.92
CA MET A 458 8.50 -14.50 -16.86
C MET A 458 8.81 -13.04 -16.60
N ARG A 459 8.68 -12.64 -15.35
CA ARG A 459 8.99 -11.28 -14.94
C ARG A 459 10.43 -10.92 -15.34
N ASP A 460 11.39 -11.77 -14.99
CA ASP A 460 12.80 -11.49 -15.34
C ASP A 460 13.01 -11.37 -16.84
N LYS A 461 12.40 -12.26 -17.58
CA LYS A 461 12.48 -12.27 -19.04
C LYS A 461 11.92 -10.99 -19.66
N ALA A 462 10.76 -10.53 -19.19
CA ALA A 462 10.15 -9.30 -19.67
C ALA A 462 11.00 -8.04 -19.35
N MET A 463 11.56 -8.01 -18.15
CA MET A 463 12.47 -6.92 -17.77
C MET A 463 13.74 -6.89 -18.65
N ALA A 464 14.34 -8.05 -18.87
CA ALA A 464 15.52 -8.14 -19.74
C ALA A 464 15.21 -7.60 -21.13
N LEU A 465 13.99 -7.86 -21.61
CA LEU A 465 13.56 -7.30 -22.89
C LEU A 465 13.37 -5.78 -22.82
N LEU A 466 12.86 -5.30 -21.69
CA LEU A 466 12.73 -3.87 -21.50
C LEU A 466 14.11 -3.19 -21.42
N GLN A 467 15.08 -3.84 -20.75
CA GLN A 467 16.47 -3.36 -20.69
C GLN A 467 17.09 -3.35 -22.08
N LYS A 468 16.86 -4.42 -22.86
CA LYS A 468 17.43 -4.50 -24.19
C LYS A 468 16.88 -3.37 -25.05
N GLU A 469 15.57 -3.12 -24.95
CA GLU A 469 14.93 -2.11 -25.78
C GLU A 469 15.55 -0.74 -25.55
N SER A 470 15.75 -0.43 -24.27
CA SER A 470 16.34 0.82 -23.85
C SER A 470 17.79 1.01 -24.36
N GLU A 471 18.59 -0.06 -24.32
CA GLU A 471 19.93 -0.08 -24.91
C GLU A 471 19.86 0.19 -26.42
N LEU A 472 18.92 -0.48 -27.09
CA LEU A 472 18.71 -0.29 -28.51
C LEU A 472 18.28 1.10 -28.87
N GLN A 473 17.36 1.66 -28.09
CA GLN A 473 16.86 3.01 -28.33
C GLN A 473 17.99 4.04 -28.19
N GLU A 474 18.94 3.81 -27.29
CA GLU A 474 20.06 4.73 -27.11
C GLU A 474 20.91 4.74 -28.38
N ILE A 475 21.25 3.54 -28.86
CA ILE A 475 22.05 3.38 -30.06
C ILE A 475 21.38 4.01 -31.28
N VAL A 476 20.06 3.88 -31.34
CA VAL A 476 19.31 4.29 -32.51
C VAL A 476 19.10 5.79 -32.50
N ARG A 477 19.33 6.41 -31.34
CA ARG A 477 19.32 7.86 -31.23
C ARG A 477 20.57 8.42 -31.95
N ILE A 478 21.68 7.72 -31.80
CA ILE A 478 22.94 8.09 -32.42
C ILE A 478 22.96 7.83 -33.94
N VAL A 479 22.72 6.58 -34.33
CA VAL A 479 22.91 6.16 -35.73
C VAL A 479 21.61 5.98 -36.52
N GLY A 480 20.47 6.19 -35.88
CA GLY A 480 19.18 5.98 -36.56
C GLY A 480 18.78 4.51 -36.75
N PRO A 481 17.57 4.29 -37.31
CA PRO A 481 16.91 2.98 -37.40
C PRO A 481 17.16 2.16 -38.67
N ASP A 482 17.72 2.78 -39.71
CA ASP A 482 17.73 2.15 -41.03
C ASP A 482 18.63 0.92 -41.09
N ALA A 483 19.65 0.87 -40.25
CA ALA A 483 20.53 -0.28 -40.23
C ALA A 483 20.09 -1.44 -39.32
N LEU A 484 18.96 -1.31 -38.63
CA LEU A 484 18.52 -2.39 -37.74
C LEU A 484 18.33 -3.69 -38.51
N PRO A 485 18.91 -4.78 -38.01
CA PRO A 485 18.60 -6.11 -38.53
C PRO A 485 17.19 -6.51 -38.07
N GLU A 486 16.60 -7.48 -38.76
CA GLU A 486 15.26 -7.99 -38.43
C GLU A 486 15.15 -8.40 -36.97
N ARG A 487 16.17 -9.08 -36.45
CA ARG A 487 16.18 -9.53 -35.07
C ARG A 487 15.95 -8.39 -34.06
N GLU A 488 16.63 -7.25 -34.25
CA GLU A 488 16.50 -6.13 -33.35
C GLU A 488 15.20 -5.41 -33.54
N ARG A 489 14.74 -5.32 -34.79
CA ARG A 489 13.44 -4.76 -35.07
C ARG A 489 12.39 -5.60 -34.34
N ALA A 490 12.60 -6.90 -34.29
CA ALA A 490 11.69 -7.82 -33.63
C ALA A 490 11.65 -7.59 -32.11
N ILE A 491 12.83 -7.35 -31.53
CA ILE A 491 12.92 -7.08 -30.11
C ILE A 491 12.16 -5.78 -29.80
N LEU A 492 12.30 -4.79 -30.66
CA LEU A 492 11.61 -3.51 -30.54
C LEU A 492 10.09 -3.64 -30.63
N LEU A 493 9.64 -4.49 -31.54
CA LEU A 493 8.23 -4.73 -31.75
C LEU A 493 7.60 -5.37 -30.51
N VAL A 494 8.22 -6.43 -29.98
CA VAL A 494 7.72 -7.11 -28.81
C VAL A 494 7.85 -6.25 -27.52
N ALA A 495 8.88 -5.40 -27.44
CA ALA A 495 9.06 -4.56 -26.25
C ALA A 495 7.97 -3.51 -26.22
N ARG A 496 7.66 -2.96 -27.40
CA ARG A 496 6.56 -2.05 -27.57
C ARG A 496 5.22 -2.69 -27.16
N MET A 497 5.00 -3.94 -27.56
CA MET A 497 3.79 -4.66 -27.14
C MET A 497 3.73 -4.83 -25.60
N LEU A 498 4.87 -5.15 -24.99
CA LEU A 498 4.94 -5.24 -23.54
C LEU A 498 4.56 -3.91 -22.89
N ARG A 499 5.14 -2.83 -23.38
CA ARG A 499 4.84 -1.49 -22.85
C ARG A 499 3.37 -1.10 -22.99
N GLU A 500 2.81 -1.33 -24.18
CA GLU A 500 1.43 -0.94 -24.48
C GLU A 500 0.37 -1.89 -23.97
N ASP A 501 0.65 -3.19 -24.02
CA ASP A 501 -0.37 -4.21 -23.72
C ASP A 501 -0.28 -4.67 -22.27
N TYR A 502 0.81 -4.37 -21.60
CA TYR A 502 1.04 -4.88 -20.26
C TYR A 502 1.32 -3.76 -19.22
N LEU A 503 2.37 -2.96 -19.43
CA LEU A 503 2.71 -1.90 -18.46
C LEU A 503 1.63 -0.84 -18.35
N GLN A 504 1.15 -0.38 -19.49
CA GLN A 504 0.09 0.59 -19.54
C GLN A 504 -1.18 -0.06 -19.06
N GLN A 505 -1.91 0.64 -18.21
CA GLN A 505 -3.11 0.07 -17.60
C GLN A 505 -4.11 1.20 -17.47
N ASP A 506 -5.39 0.93 -17.71
CA ASP A 506 -6.41 2.01 -17.71
C ASP A 506 -7.23 2.05 -16.43
N ALA A 507 -6.84 2.97 -15.55
CA ALA A 507 -7.46 3.10 -14.24
C ALA A 507 -8.90 3.57 -14.32
N PHE A 508 -9.27 4.16 -15.47
CA PHE A 508 -10.63 4.64 -15.75
C PHE A 508 -11.54 3.64 -16.42
N ASP A 509 -11.04 2.43 -16.68
CA ASP A 509 -11.85 1.46 -17.37
C ASP A 509 -12.46 0.48 -16.39
N GLU A 510 -13.70 0.08 -16.65
CA GLU A 510 -14.43 -0.79 -15.72
C GLU A 510 -13.70 -2.12 -15.48
N VAL A 511 -13.08 -2.67 -16.52
CA VAL A 511 -12.32 -3.91 -16.37
C VAL A 511 -10.89 -3.62 -15.91
N ASP A 512 -10.18 -2.76 -16.63
CA ASP A 512 -8.73 -2.69 -16.48
C ASP A 512 -8.25 -1.91 -15.25
N THR A 513 -9.18 -1.36 -14.49
CA THR A 513 -8.87 -0.61 -13.28
C THR A 513 -8.26 -1.51 -12.20
N TYR A 514 -8.53 -2.81 -12.29
CA TYR A 514 -7.94 -3.80 -11.42
C TYR A 514 -7.59 -5.05 -12.22
N CYS A 515 -6.38 -5.56 -12.03
CA CYS A 515 -5.98 -6.76 -12.76
C CYS A 515 -5.63 -7.88 -11.79
N PRO A 516 -6.52 -8.85 -11.62
CA PRO A 516 -6.23 -9.96 -10.68
C PRO A 516 -4.90 -10.69 -11.01
N PRO A 517 -4.22 -11.22 -9.98
CA PRO A 517 -3.02 -12.04 -10.17
C PRO A 517 -3.12 -13.05 -11.32
N GLU A 518 -4.19 -13.83 -11.37
CA GLU A 518 -4.40 -14.87 -12.40
C GLU A 518 -4.40 -14.24 -13.80
N LYS A 519 -4.99 -13.06 -13.92
CA LYS A 519 -5.02 -12.38 -15.20
C LYS A 519 -3.62 -11.84 -15.60
N GLN A 520 -2.90 -11.32 -14.61
CA GLN A 520 -1.56 -10.75 -14.83
C GLN A 520 -0.64 -11.80 -15.44
N VAL A 521 -0.61 -13.00 -14.87
CA VAL A 521 0.29 -14.07 -15.38
C VAL A 521 -0.13 -14.61 -16.75
N THR A 522 -1.43 -14.64 -17.03
CA THR A 522 -1.91 -15.10 -18.32
C THR A 522 -1.59 -14.09 -19.40
N MET A 523 -1.87 -12.82 -19.15
CA MET A 523 -1.45 -11.77 -20.06
C MET A 523 0.08 -11.82 -20.37
N MET A 524 0.88 -12.09 -19.36
CA MET A 524 2.33 -12.20 -19.50
C MET A 524 2.73 -13.41 -20.36
N ARG A 525 2.12 -14.57 -20.11
CA ARG A 525 2.28 -15.77 -20.94
C ARG A 525 1.97 -15.49 -22.43
N VAL A 526 0.86 -14.81 -22.68
CA VAL A 526 0.48 -14.49 -24.04
C VAL A 526 1.60 -13.70 -24.71
N LEU A 527 2.11 -12.68 -24.01
CA LEU A 527 3.11 -11.81 -24.58
C LEU A 527 4.47 -12.49 -24.79
N LEU A 528 4.89 -13.31 -23.83
CA LEU A 528 6.18 -13.97 -23.92
C LEU A 528 6.18 -15.11 -24.91
N ASN A 529 5.04 -15.80 -24.98
CA ASN A 529 4.85 -16.75 -26.03
C ASN A 529 4.89 -16.10 -27.40
N PHE A 530 4.33 -14.90 -27.54
CA PHE A 530 4.41 -14.19 -28.83
C PHE A 530 5.89 -13.82 -29.13
N TYR A 531 6.64 -13.51 -28.06
CA TYR A 531 8.06 -13.25 -28.21
C TYR A 531 8.79 -14.49 -28.71
N ASP A 532 8.63 -15.62 -28.01
CA ASP A 532 9.26 -16.87 -28.40
C ASP A 532 9.00 -17.13 -29.89
N LYS A 533 7.71 -17.12 -30.28
CA LYS A 533 7.30 -17.36 -31.67
C LYS A 533 7.82 -16.34 -32.65
N THR A 534 7.90 -15.08 -32.24
CA THR A 534 8.47 -14.04 -33.10
C THR A 534 9.92 -14.36 -33.45
N MET A 535 10.72 -14.71 -32.43
CA MET A 535 12.16 -14.96 -32.63
C MET A 535 12.38 -16.25 -33.41
N GLU A 536 11.52 -17.24 -33.17
CA GLU A 536 11.53 -18.50 -33.89
C GLU A 536 11.27 -18.27 -35.38
N ALA A 537 10.35 -17.34 -35.69
CA ALA A 537 9.97 -17.01 -37.05
C ALA A 537 11.05 -16.24 -37.80
N ILE A 538 11.63 -15.23 -37.14
CA ILE A 538 12.77 -14.49 -37.68
C ILE A 538 13.85 -15.50 -38.04
N ASN A 539 14.11 -16.38 -37.08
CA ASN A 539 15.13 -17.41 -37.20
C ASN A 539 14.88 -18.35 -38.37
N ARG A 540 13.79 -18.12 -39.09
CA ARG A 540 13.42 -19.03 -40.16
C ARG A 540 12.99 -18.28 -41.38
N GLY A 541 13.44 -17.03 -41.52
CA GLY A 541 13.19 -16.24 -42.72
C GLY A 541 11.84 -15.58 -42.89
N VAL A 542 10.94 -15.69 -41.91
CA VAL A 542 9.66 -14.96 -41.97
C VAL A 542 9.98 -13.49 -41.81
N PRO A 543 9.57 -12.64 -42.77
CA PRO A 543 9.82 -11.22 -42.59
C PRO A 543 9.06 -10.66 -41.39
N LEU A 544 9.68 -9.72 -40.70
CA LEU A 544 9.10 -9.07 -39.56
C LEU A 544 7.78 -8.38 -39.89
N GLU A 545 7.70 -7.80 -41.08
CA GLU A 545 6.51 -7.08 -41.53
C GLU A 545 5.27 -7.99 -41.57
N GLU A 546 5.50 -9.29 -41.75
CA GLU A 546 4.45 -10.30 -41.72
C GLU A 546 4.02 -10.57 -40.28
N ILE A 547 4.95 -10.44 -39.35
CA ILE A 547 4.64 -10.73 -37.96
C ILE A 547 3.95 -9.52 -37.31
N ALA A 548 4.40 -8.33 -37.67
CA ALA A 548 3.80 -7.07 -37.24
C ALA A 548 2.30 -6.93 -37.54
N LYS A 549 1.82 -7.69 -38.53
CA LYS A 549 0.45 -7.53 -38.98
C LYS A 549 -0.33 -8.84 -38.77
N LEU A 550 0.26 -9.75 -38.01
CA LEU A 550 -0.44 -10.95 -37.57
C LEU A 550 -1.74 -10.49 -36.89
N PRO A 551 -2.88 -11.09 -37.28
CA PRO A 551 -4.14 -10.55 -36.72
C PRO A 551 -4.25 -10.65 -35.18
N VAL A 552 -3.69 -11.70 -34.58
CA VAL A 552 -3.76 -11.87 -33.13
C VAL A 552 -3.16 -10.70 -32.32
N ARG A 553 -2.14 -10.03 -32.87
CA ARG A 553 -1.52 -8.85 -32.28
C ARG A 553 -2.53 -7.85 -31.76
N GLU A 554 -3.56 -7.57 -32.53
CA GLU A 554 -4.49 -6.55 -32.10
C GLU A 554 -5.38 -7.09 -30.99
N GLU A 555 -5.60 -8.40 -30.98
CA GLU A 555 -6.33 -9.04 -29.88
C GLU A 555 -5.46 -9.01 -28.62
N ILE A 556 -4.15 -9.17 -28.79
CA ILE A 556 -3.19 -9.01 -27.69
C ILE A 556 -3.22 -7.60 -27.11
N GLY A 557 -3.33 -6.60 -27.97
CA GLY A 557 -3.49 -5.21 -27.52
C GLY A 557 -4.79 -4.90 -26.76
N ARG A 558 -5.82 -5.74 -26.89
CA ARG A 558 -7.10 -5.47 -26.21
C ARG A 558 -7.35 -6.39 -25.04
N MET A 559 -6.46 -7.36 -24.80
CA MET A 559 -6.71 -8.36 -23.75
C MET A 559 -6.85 -7.77 -22.36
N LYS A 560 -6.21 -6.63 -22.09
CA LYS A 560 -6.39 -5.99 -20.77
C LYS A 560 -7.87 -5.59 -20.50
N PHE A 561 -8.68 -5.46 -21.56
CA PHE A 561 -10.11 -5.06 -21.46
C PHE A 561 -11.07 -6.25 -21.30
N GLU A 562 -10.53 -7.46 -21.42
CA GLU A 562 -11.27 -8.70 -21.26
C GLU A 562 -11.35 -9.20 -19.81
N ARG A 563 -12.57 -9.43 -19.30
CA ARG A 563 -12.78 -9.98 -17.94
C ARG A 563 -12.45 -11.46 -17.89
N ASP A 564 -12.83 -12.18 -18.94
CA ASP A 564 -12.75 -13.64 -18.96
C ASP A 564 -11.33 -14.13 -19.24
N VAL A 565 -10.64 -14.56 -18.19
CA VAL A 565 -9.22 -14.94 -18.29
C VAL A 565 -8.98 -16.13 -19.22
N SER A 566 -9.97 -17.00 -19.34
CA SER A 566 -9.87 -18.15 -20.23
C SER A 566 -9.89 -17.71 -21.69
N LYS A 567 -10.53 -16.59 -21.98
CA LYS A 567 -10.49 -16.02 -23.34
C LYS A 567 -9.12 -15.43 -23.67
N ILE A 568 -8.50 -14.84 -22.66
CA ILE A 568 -7.14 -14.32 -22.81
C ILE A 568 -6.23 -15.52 -23.01
N ARG A 569 -6.40 -16.56 -22.19
CA ARG A 569 -5.57 -17.77 -22.28
C ARG A 569 -5.60 -18.42 -23.65
N SER A 570 -6.71 -18.24 -24.37
CA SER A 570 -6.92 -18.88 -25.66
C SER A 570 -6.08 -18.23 -26.75
N LEU A 571 -5.67 -16.97 -26.50
CA LEU A 571 -4.74 -16.27 -27.40
C LEU A 571 -3.41 -17.00 -27.60
N ILE A 572 -3.01 -17.83 -26.64
CA ILE A 572 -1.78 -18.59 -26.78
C ILE A 572 -1.87 -19.55 -27.97
N ASP A 573 -2.94 -20.35 -28.01
CA ASP A 573 -3.13 -21.32 -29.10
C ASP A 573 -3.39 -20.61 -30.42
N LYS A 574 -4.12 -19.50 -30.35
CA LYS A 574 -4.40 -18.73 -31.54
C LYS A 574 -3.12 -18.11 -32.12
N THR A 575 -2.19 -17.71 -31.23
CA THR A 575 -0.89 -17.19 -31.66
C THR A 575 -0.13 -18.31 -32.36
N ASN A 576 -0.05 -19.45 -31.70
CA ASN A 576 0.65 -20.60 -32.22
C ASN A 576 0.20 -20.96 -33.63
N GLU A 577 -1.11 -21.08 -33.85
CA GLU A 577 -1.62 -21.51 -35.14
C GLU A 577 -1.43 -20.49 -36.23
N GLN A 578 -1.67 -19.21 -35.92
CA GLN A 578 -1.42 -18.13 -36.87
C GLN A 578 0.02 -18.11 -37.35
N PHE A 579 0.94 -18.43 -36.44
CA PHE A 579 2.36 -18.50 -36.76
C PHE A 579 2.64 -19.72 -37.62
N GLU A 580 2.02 -20.86 -37.30
CA GLU A 580 2.06 -22.04 -38.19
C GLU A 580 1.59 -21.72 -39.60
N GLU A 581 0.50 -20.95 -39.72
CA GLU A 581 0.03 -20.46 -41.02
C GLU A 581 1.04 -19.57 -41.73
N LEU A 582 2.11 -19.23 -41.03
CA LEU A 582 3.13 -18.32 -41.56
C LEU A 582 4.37 -19.12 -41.91
N PHE A 583 4.64 -20.14 -41.10
CA PHE A 583 5.71 -21.09 -41.37
C PHE A 583 5.41 -21.82 -42.67
N LYS A 584 4.15 -22.23 -42.81
CA LYS A 584 3.63 -22.87 -44.02
C LYS A 584 3.83 -21.97 -45.24
N LYS A 585 3.19 -20.80 -45.25
CA LYS A 585 3.32 -19.83 -46.35
C LYS A 585 4.77 -19.49 -46.77
N TYR A 586 5.75 -19.80 -45.93
CA TYR A 586 7.15 -19.56 -46.32
C TYR A 586 7.97 -20.84 -46.51
N GLY A 587 7.37 -21.98 -46.19
CA GLY A 587 8.05 -23.27 -46.26
C GLY A 587 9.05 -23.39 -45.12
N ALA A 588 8.92 -22.44 -44.19
CA ALA A 588 9.86 -22.21 -43.09
C ALA A 588 9.83 -23.33 -42.07
#